data_4KEB
#
_entry.id   4KEB
#
_cell.length_a   87.709
_cell.length_b   93.659
_cell.length_c   96.155
_cell.angle_alpha   90.00
_cell.angle_beta   90.00
_cell.angle_gamma   90.00
#
_symmetry.space_group_name_H-M   'C 2 2 21'
#
loop_
_entity.id
_entity.type
_entity.pdbx_description
1 polymer 'Dihydrofolate reductase'
2 non-polymer 'NADPH DIHYDRO-NICOTINAMIDE-ADENINE-DINUCLEOTIDE PHOSPHATE'
3 non-polymer 6-ethyl-5-{(3S)-3-[3-(isoquinolin-5-yl)-5-methoxyphenyl]but-1-yn-1-yl}pyrimidine-2,4-diamine
4 non-polymer 'FOLIC ACID'
5 water water
#
_entity_poly.entity_id   1
_entity_poly.type   'polypeptide(L)'
_entity_poly.pdbx_seq_one_letter_code
;VGSLNCIVAVSQNMGIGKNGDLPWPPLRNEFRYFQRMTTTSSVEGKQNLVIMGKKTWFSIPEKNRPLKGRINLVLSRELK
EPPQGAHFLSRSLDDALKLTEQPELANKVDMVWIVGGSSVYKEAMNHPGHLKLFVTRIMQDFESDTFFPEIDLEKYKLLP
EYPGVLSDVQEEKGIKYKFEVYEKND
;
_entity_poly.pdbx_strand_id   A,B
#
# COMPACT_ATOMS: atom_id res chain seq x y z
N VAL A 1 10.64 -30.18 17.37
CA VAL A 1 10.44 -28.74 17.15
C VAL A 1 10.06 -27.99 18.43
N GLY A 2 10.94 -27.11 18.89
CA GLY A 2 10.73 -26.48 20.17
C GLY A 2 10.18 -25.07 20.06
N SER A 3 9.93 -24.63 18.85
CA SER A 3 9.55 -23.25 18.63
C SER A 3 8.86 -23.13 17.29
N LEU A 4 7.88 -22.25 17.17
CA LEU A 4 7.27 -22.00 15.88
C LEU A 4 7.31 -20.52 15.63
N ASN A 5 7.30 -20.12 14.36
CA ASN A 5 7.24 -18.71 13.97
C ASN A 5 6.08 -18.48 13.03
N CYS A 6 5.37 -17.38 13.19
CA CYS A 6 4.40 -16.97 12.20
C CYS A 6 4.89 -15.68 11.61
N ILE A 7 4.59 -15.43 10.33
CA ILE A 7 4.93 -14.14 9.73
C ILE A 7 3.76 -13.73 8.87
N VAL A 8 3.37 -12.44 8.98
CA VAL A 8 2.20 -11.91 8.29
C VAL A 8 2.39 -10.41 8.11
N ALA A 9 1.77 -9.83 7.09
CA ALA A 9 1.64 -8.37 6.92
C ALA A 9 0.15 -8.08 6.93
N VAL A 10 -0.25 -7.06 7.68
N VAL A 10 -0.25 -7.04 7.63
CA VAL A 10 -1.67 -6.79 7.96
CA VAL A 10 -1.68 -6.84 7.89
C VAL A 10 -2.00 -5.32 7.85
C VAL A 10 -2.02 -5.36 7.89
N SER A 11 -3.14 -5.01 7.26
CA SER A 11 -3.56 -3.60 7.15
C SER A 11 -4.21 -3.13 8.46
N GLN A 12 -4.48 -1.82 8.58
N GLN A 12 -4.47 -1.83 8.58
CA GLN A 12 -5.04 -1.27 9.80
CA GLN A 12 -5.04 -1.27 9.80
C GLN A 12 -6.41 -1.89 10.12
C GLN A 12 -6.41 -1.89 10.12
N ASN A 13 -7.15 -2.25 9.08
CA ASN A 13 -8.44 -2.92 9.23
C ASN A 13 -8.35 -4.45 9.29
N MET A 14 -7.17 -4.95 9.64
CA MET A 14 -6.91 -6.37 9.86
C MET A 14 -6.90 -7.24 8.59
N GLY A 15 -6.73 -6.61 7.43
CA GLY A 15 -6.75 -7.34 6.17
C GLY A 15 -5.41 -7.93 5.78
N ILE A 16 -5.47 -9.13 5.21
CA ILE A 16 -4.28 -9.79 4.69
C ILE A 16 -4.38 -10.20 3.23
N GLY A 17 -5.60 -10.25 2.69
CA GLY A 17 -5.78 -10.72 1.34
C GLY A 17 -7.00 -10.08 0.70
N LYS A 18 -6.95 -9.99 -0.61
CA LYS A 18 -8.08 -9.51 -1.41
C LYS A 18 -7.97 -10.19 -2.75
N ASN A 19 -9.02 -10.92 -3.12
CA ASN A 19 -9.09 -11.56 -4.44
C ASN A 19 -7.87 -12.44 -4.78
N GLY A 20 -7.39 -13.22 -3.81
CA GLY A 20 -6.30 -14.14 -4.07
C GLY A 20 -4.92 -13.48 -4.14
N ASP A 21 -4.83 -12.22 -3.73
CA ASP A 21 -3.55 -11.52 -3.75
C ASP A 21 -3.48 -10.65 -2.50
N LEU A 22 -2.44 -9.84 -2.37
CA LEU A 22 -2.35 -8.91 -1.25
C LEU A 22 -3.29 -7.73 -1.49
N PRO A 23 -3.78 -7.10 -0.40
CA PRO A 23 -4.69 -5.97 -0.59
C PRO A 23 -4.00 -4.69 -1.06
N TRP A 24 -2.70 -4.58 -0.82
CA TRP A 24 -1.93 -3.35 -1.14
C TRP A 24 -1.00 -3.64 -2.31
N PRO A 25 -0.47 -2.59 -2.95
CA PRO A 25 0.50 -2.81 -4.03
C PRO A 25 1.78 -3.44 -3.48
N PRO A 26 2.59 -4.07 -4.36
CA PRO A 26 3.79 -4.76 -3.90
C PRO A 26 4.77 -3.84 -3.20
N LEU A 27 5.24 -4.25 -2.03
CA LEU A 27 6.24 -3.52 -1.26
C LEU A 27 7.51 -4.33 -1.27
N ARG A 28 8.50 -3.87 -2.05
CA ARG A 28 9.71 -4.64 -2.30
C ARG A 28 10.50 -5.00 -1.03
N ASN A 29 10.75 -4.03 -0.17
CA ASN A 29 11.53 -4.32 1.01
C ASN A 29 10.76 -5.14 2.03
N GLU A 30 9.45 -4.99 2.05
CA GLU A 30 8.64 -5.81 2.94
C GLU A 30 8.71 -7.27 2.48
N PHE A 31 8.59 -7.49 1.18
CA PHE A 31 8.81 -8.82 0.60
C PHE A 31 10.21 -9.36 0.93
N ARG A 32 11.25 -8.52 0.79
CA ARG A 32 12.60 -8.99 1.08
C ARG A 32 12.75 -9.38 2.55
N TYR A 33 12.02 -8.70 3.44
CA TYR A 33 12.00 -9.04 4.87
C TYR A 33 11.35 -10.40 5.07
N PHE A 34 10.22 -10.63 4.42
CA PHE A 34 9.59 -11.94 4.44
C PHE A 34 10.56 -13.03 3.94
N GLN A 35 11.22 -12.78 2.81
CA GLN A 35 12.18 -13.72 2.27
C GLN A 35 13.32 -14.00 3.23
N ARG A 36 13.92 -12.95 3.78
CA ARG A 36 15.04 -13.09 4.72
C ARG A 36 14.64 -13.88 5.96
N MET A 37 13.52 -13.51 6.56
N MET A 37 13.52 -13.52 6.57
CA MET A 37 13.13 -14.21 7.78
CA MET A 37 13.06 -14.18 7.79
C MET A 37 12.82 -15.68 7.56
C MET A 37 12.83 -15.68 7.56
N THR A 38 12.08 -16.01 6.51
CA THR A 38 11.68 -17.38 6.29
C THR A 38 12.83 -18.23 5.75
N THR A 39 13.80 -17.63 5.04
CA THR A 39 14.84 -18.42 4.39
C THR A 39 16.07 -18.66 5.28
N THR A 40 16.38 -17.73 6.16
CA THR A 40 17.64 -17.81 6.85
C THR A 40 17.67 -18.92 7.89
N SER A 41 18.44 -19.95 7.62
CA SER A 41 18.67 -21.04 8.55
C SER A 41 19.89 -20.74 9.40
N SER A 42 19.88 -21.14 10.67
CA SER A 42 21.08 -20.96 11.49
C SER A 42 21.99 -22.17 11.45
N VAL A 43 21.56 -23.19 10.72
CA VAL A 43 22.32 -24.43 10.65
C VAL A 43 22.71 -24.78 9.22
N GLU A 44 24.02 -24.77 8.95
CA GLU A 44 24.46 -25.11 7.61
C GLU A 44 24.01 -26.56 7.39
N GLY A 45 23.45 -26.86 6.23
CA GLY A 45 23.00 -28.22 5.94
C GLY A 45 21.52 -28.43 6.20
N LYS A 46 20.87 -27.43 6.77
CA LYS A 46 19.43 -27.50 7.00
C LYS A 46 18.75 -26.33 6.34
N GLN A 47 17.47 -26.50 6.06
CA GLN A 47 16.65 -25.44 5.50
C GLN A 47 15.50 -25.20 6.45
N ASN A 48 14.91 -24.02 6.38
CA ASN A 48 13.66 -23.81 7.10
C ASN A 48 12.48 -24.41 6.36
N LEU A 49 11.44 -24.70 7.12
CA LEU A 49 10.20 -25.26 6.61
C LEU A 49 9.18 -24.15 6.62
N VAL A 50 8.50 -23.96 5.49
CA VAL A 50 7.35 -23.05 5.42
C VAL A 50 6.07 -23.86 5.31
N ILE A 51 5.11 -23.52 6.17
CA ILE A 51 3.81 -24.18 6.21
C ILE A 51 2.76 -23.16 5.77
N MET A 52 1.91 -23.53 4.82
CA MET A 52 0.89 -22.61 4.31
C MET A 52 -0.39 -23.36 3.94
N GLY A 53 -1.52 -22.64 3.94
CA GLY A 53 -2.76 -23.18 3.45
C GLY A 53 -2.79 -23.29 1.93
N LYS A 54 -3.82 -23.95 1.41
CA LYS A 54 -3.86 -24.23 -0.02
C LYS A 54 -4.03 -22.99 -0.88
N LYS A 55 -4.87 -22.07 -0.43
CA LYS A 55 -5.10 -20.84 -1.19
C LYS A 55 -3.86 -19.96 -1.21
N THR A 56 -3.13 -19.92 -0.10
CA THR A 56 -1.87 -19.21 -0.05
C THR A 56 -0.86 -19.81 -1.03
N TRP A 57 -0.76 -21.14 -1.06
CA TRP A 57 0.06 -21.79 -2.10
C TRP A 57 -0.27 -21.28 -3.51
N PHE A 58 -1.55 -21.31 -3.87
CA PHE A 58 -1.93 -20.88 -5.22
C PHE A 58 -1.85 -19.37 -5.43
N SER A 59 -1.73 -18.59 -4.35
CA SER A 59 -1.53 -17.15 -4.48
C SER A 59 -0.09 -16.78 -4.78
N ILE A 60 0.82 -17.74 -4.58
CA ILE A 60 2.21 -17.55 -4.99
C ILE A 60 2.29 -17.70 -6.50
N PRO A 61 2.91 -16.71 -7.18
CA PRO A 61 3.03 -16.82 -8.65
C PRO A 61 3.72 -18.13 -8.99
N GLU A 62 3.16 -18.86 -9.95
N GLU A 62 3.15 -18.83 -9.95
CA GLU A 62 3.63 -20.21 -10.29
CA GLU A 62 3.56 -20.17 -10.30
C GLU A 62 5.14 -20.30 -10.49
C GLU A 62 5.09 -20.31 -10.57
N LYS A 63 5.70 -19.28 -11.14
CA LYS A 63 7.13 -19.30 -11.45
C LYS A 63 8.03 -19.22 -10.20
N ASN A 64 7.42 -18.91 -9.06
CA ASN A 64 8.15 -18.78 -7.80
C ASN A 64 7.83 -19.88 -6.80
N ARG A 65 7.08 -20.87 -7.25
CA ARG A 65 6.75 -22.02 -6.43
C ARG A 65 7.64 -23.17 -6.85
N PRO A 66 8.12 -23.96 -5.89
CA PRO A 66 8.01 -23.72 -4.45
C PRO A 66 8.91 -22.55 -4.04
N LEU A 67 8.69 -21.94 -2.86
CA LEU A 67 9.56 -20.85 -2.41
C LEU A 67 11.01 -21.33 -2.30
N LYS A 68 11.92 -20.71 -3.04
CA LYS A 68 13.30 -21.19 -3.14
C LYS A 68 14.02 -21.19 -1.79
N GLY A 69 14.88 -22.19 -1.59
CA GLY A 69 15.70 -22.24 -0.39
C GLY A 69 14.99 -22.67 0.87
N ARG A 70 13.71 -23.03 0.76
CA ARG A 70 12.88 -23.47 1.89
C ARG A 70 12.14 -24.74 1.51
N ILE A 71 11.88 -25.61 2.49
CA ILE A 71 11.01 -26.77 2.31
C ILE A 71 9.56 -26.28 2.41
N ASN A 72 8.77 -26.54 1.36
CA ASN A 72 7.40 -26.03 1.25
C ASN A 72 6.37 -27.11 1.59
N LEU A 73 5.58 -26.88 2.63
CA LEU A 73 4.54 -27.80 3.05
C LEU A 73 3.17 -27.13 2.98
N VAL A 74 2.22 -27.79 2.33
CA VAL A 74 0.87 -27.25 2.16
C VAL A 74 -0.13 -28.01 3.05
N LEU A 75 -1.00 -27.27 3.75
CA LEU A 75 -2.05 -27.89 4.54
C LEU A 75 -3.35 -27.97 3.75
N SER A 76 -3.94 -29.17 3.70
CA SER A 76 -5.24 -29.37 3.08
C SER A 76 -5.86 -30.64 3.59
N ARG A 77 -7.16 -30.61 3.84
CA ARG A 77 -7.90 -31.81 4.20
C ARG A 77 -8.46 -32.50 2.95
N GLU A 78 -8.62 -31.76 1.85
CA GLU A 78 -9.29 -32.31 0.67
C GLU A 78 -8.28 -32.93 -0.30
N LEU A 79 -7.07 -32.38 -0.34
CA LEU A 79 -6.04 -32.86 -1.25
C LEU A 79 -5.54 -34.21 -0.80
N LYS A 80 -5.19 -35.08 -1.73
CA LYS A 80 -4.67 -36.38 -1.36
C LYS A 80 -3.16 -36.45 -1.55
N GLU A 81 -2.61 -35.51 -2.32
CA GLU A 81 -1.15 -35.40 -2.41
C GLU A 81 -0.73 -33.94 -2.57
N PRO A 82 0.57 -33.63 -2.40
CA PRO A 82 0.93 -32.20 -2.44
C PRO A 82 0.66 -31.58 -3.81
N PRO A 83 0.32 -30.30 -3.83
CA PRO A 83 0.16 -29.63 -5.13
C PRO A 83 1.47 -29.71 -5.92
N GLN A 84 1.39 -29.69 -7.23
CA GLN A 84 2.60 -29.79 -8.06
C GLN A 84 3.63 -28.75 -7.64
N GLY A 85 4.83 -29.21 -7.32
CA GLY A 85 5.91 -28.34 -6.91
C GLY A 85 6.09 -28.21 -5.40
N ALA A 86 5.05 -28.47 -4.62
CA ALA A 86 5.16 -28.45 -3.16
C ALA A 86 5.86 -29.72 -2.71
N HIS A 87 6.60 -29.66 -1.61
CA HIS A 87 7.40 -30.80 -1.18
C HIS A 87 6.59 -31.76 -0.32
N PHE A 88 5.66 -31.23 0.46
CA PHE A 88 4.90 -32.04 1.41
C PHE A 88 3.48 -31.54 1.54
N LEU A 89 2.60 -32.44 1.99
CA LEU A 89 1.19 -32.17 2.23
C LEU A 89 0.84 -32.77 3.60
N SER A 90 0.14 -32.00 4.42
CA SER A 90 -0.39 -32.51 5.70
C SER A 90 -1.84 -32.06 5.90
N ARG A 91 -2.58 -32.81 6.70
CA ARG A 91 -4.00 -32.54 6.93
C ARG A 91 -4.20 -31.61 8.11
N SER A 92 -3.13 -31.32 8.84
CA SER A 92 -3.21 -30.45 10.01
C SER A 92 -1.84 -29.96 10.40
N LEU A 93 -1.77 -28.89 11.20
CA LEU A 93 -0.48 -28.36 11.66
C LEU A 93 0.24 -29.43 12.47
N ASP A 94 -0.49 -30.13 13.32
N ASP A 94 -0.50 -30.14 13.32
CA ASP A 94 0.11 -31.18 14.14
CA ASP A 94 0.08 -31.20 14.14
C ASP A 94 0.74 -32.28 13.30
C ASP A 94 0.74 -32.28 13.30
N ASP A 95 0.04 -32.71 12.25
CA ASP A 95 0.60 -33.68 11.34
C ASP A 95 1.85 -33.11 10.68
N ALA A 96 1.83 -31.83 10.31
CA ALA A 96 3.01 -31.24 9.68
C ALA A 96 4.23 -31.25 10.61
N LEU A 97 4.04 -30.91 11.88
CA LEU A 97 5.16 -30.87 12.82
C LEU A 97 5.75 -32.26 13.11
N LYS A 98 4.89 -33.26 13.21
CA LYS A 98 5.32 -34.65 13.43
C LYS A 98 6.15 -35.12 12.25
N LEU A 99 5.81 -34.62 11.06
CA LEU A 99 6.49 -35.02 9.86
C LEU A 99 7.97 -34.61 9.94
N THR A 100 8.22 -33.50 10.61
CA THR A 100 9.58 -32.98 10.72
C THR A 100 10.46 -33.99 11.45
N GLU A 101 9.85 -34.86 12.25
CA GLU A 101 10.60 -35.85 13.01
C GLU A 101 10.76 -37.23 12.38
N GLN A 102 10.05 -37.47 11.29
CA GLN A 102 10.14 -38.73 10.54
C GLN A 102 11.42 -38.80 9.70
N PRO A 103 11.78 -40.00 9.21
CA PRO A 103 13.13 -40.10 8.64
C PRO A 103 13.44 -39.21 7.45
N GLU A 104 12.47 -38.91 6.59
CA GLU A 104 12.74 -38.07 5.43
C GLU A 104 13.31 -36.71 5.86
N LEU A 105 12.73 -36.13 6.89
CA LEU A 105 13.07 -34.75 7.29
C LEU A 105 13.96 -34.61 8.54
N ALA A 106 14.29 -35.76 9.16
CA ALA A 106 14.87 -35.79 10.51
C ALA A 106 15.94 -34.72 10.78
N ASN A 107 16.97 -34.68 9.96
CA ASN A 107 17.97 -33.65 10.21
C ASN A 107 18.06 -32.67 9.08
N LYS A 108 16.90 -32.34 8.50
CA LYS A 108 16.86 -31.46 7.35
C LYS A 108 16.25 -30.09 7.67
N VAL A 109 15.45 -30.00 8.73
CA VAL A 109 14.73 -28.75 9.05
C VAL A 109 15.35 -27.96 10.19
N ASP A 110 15.53 -26.64 9.99
CA ASP A 110 15.90 -25.77 11.10
C ASP A 110 14.67 -25.14 11.71
N MET A 111 14.28 -23.96 11.22
N MET A 111 14.31 -23.95 11.24
CA MET A 111 13.15 -23.27 11.82
CA MET A 111 13.16 -23.25 11.80
C MET A 111 11.88 -23.59 11.03
C MET A 111 11.88 -23.57 11.03
N VAL A 112 10.75 -23.50 11.70
CA VAL A 112 9.44 -23.64 11.07
C VAL A 112 8.72 -22.29 11.03
N TRP A 113 8.27 -21.91 9.83
CA TRP A 113 7.58 -20.64 9.59
C TRP A 113 6.19 -20.89 9.05
N ILE A 114 5.17 -20.39 9.76
CA ILE A 114 3.78 -20.41 9.31
C ILE A 114 3.55 -19.12 8.49
N VAL A 115 3.16 -19.26 7.21
CA VAL A 115 3.06 -18.12 6.34
C VAL A 115 1.62 -17.87 5.84
N GLY A 116 0.63 -18.43 6.54
CA GLY A 116 -0.76 -18.11 6.28
C GLY A 116 -1.51 -19.19 5.51
N GLY A 117 -2.82 -19.05 5.27
CA GLY A 117 -3.59 -17.85 5.57
C GLY A 117 -4.32 -17.87 6.91
N SER A 118 -5.52 -17.31 6.96
CA SER A 118 -6.17 -17.01 8.25
C SER A 118 -6.30 -18.20 9.21
N SER A 119 -6.80 -19.34 8.72
CA SER A 119 -7.01 -20.49 9.58
C SER A 119 -5.71 -21.14 10.04
N VAL A 120 -4.67 -21.00 9.23
CA VAL A 120 -3.36 -21.55 9.60
C VAL A 120 -2.76 -20.69 10.74
N TYR A 121 -2.88 -19.38 10.61
CA TYR A 121 -2.45 -18.47 11.68
C TYR A 121 -3.22 -18.72 12.97
N LYS A 122 -4.53 -18.85 12.86
CA LYS A 122 -5.36 -19.05 14.07
C LYS A 122 -4.90 -20.29 14.85
N GLU A 123 -4.75 -21.40 14.14
CA GLU A 123 -4.31 -22.62 14.80
C GLU A 123 -2.88 -22.51 15.36
N ALA A 124 -1.96 -21.98 14.56
CA ALA A 124 -0.56 -21.87 14.98
C ALA A 124 -0.44 -21.01 16.24
N MET A 125 -1.19 -19.92 16.28
CA MET A 125 -1.06 -19.00 17.39
C MET A 125 -1.56 -19.62 18.69
N ASN A 126 -2.37 -20.67 18.57
N ASN A 126 -2.38 -20.66 18.57
CA ASN A 126 -2.87 -21.40 19.73
CA ASN A 126 -2.86 -21.39 19.72
C ASN A 126 -2.07 -22.64 20.08
C ASN A 126 -2.07 -22.64 20.08
N HIS A 127 -1.05 -22.93 19.28
CA HIS A 127 -0.22 -24.12 19.49
C HIS A 127 0.60 -23.93 20.75
N PRO A 128 0.81 -25.00 21.53
CA PRO A 128 1.55 -24.89 22.80
C PRO A 128 3.00 -24.53 22.61
N GLY A 129 3.58 -23.89 23.62
CA GLY A 129 5.01 -23.68 23.64
C GLY A 129 5.43 -22.34 23.10
N HIS A 130 6.70 -22.24 22.77
CA HIS A 130 7.24 -20.98 22.38
C HIS A 130 6.83 -20.63 20.96
N LEU A 131 6.38 -19.41 20.78
N LEU A 131 6.38 -19.40 20.79
CA LEU A 131 5.95 -18.96 19.45
CA LEU A 131 5.96 -18.92 19.48
C LEU A 131 6.28 -17.48 19.27
C LEU A 131 6.34 -17.48 19.32
N LYS A 132 6.89 -17.13 18.16
CA LYS A 132 7.11 -15.72 17.80
C LYS A 132 6.21 -15.38 16.63
N LEU A 133 5.59 -14.21 16.69
CA LEU A 133 4.76 -13.70 15.59
C LEU A 133 5.42 -12.45 15.05
N PHE A 134 5.82 -12.49 13.77
CA PHE A 134 6.41 -11.35 13.05
C PHE A 134 5.30 -10.71 12.28
N VAL A 135 4.85 -9.54 12.76
CA VAL A 135 3.66 -8.91 12.21
C VAL A 135 4.05 -7.56 11.64
N THR A 136 3.89 -7.40 10.32
CA THR A 136 4.10 -6.09 9.70
C THR A 136 2.79 -5.32 9.75
N ARG A 137 2.77 -4.20 10.45
CA ARG A 137 1.59 -3.36 10.56
C ARG A 137 1.60 -2.32 9.44
N ILE A 138 0.79 -2.56 8.41
CA ILE A 138 0.63 -1.63 7.29
C ILE A 138 -0.34 -0.56 7.83
N MET A 139 0.13 0.69 7.96
N MET A 139 0.13 0.69 7.96
CA MET A 139 -0.62 1.72 8.68
CA MET A 139 -0.64 1.71 8.66
C MET A 139 -1.63 2.49 7.79
C MET A 139 -1.64 2.49 7.79
N GLN A 140 -2.44 1.75 7.03
CA GLN A 140 -3.49 2.31 6.17
C GLN A 140 -4.55 1.23 6.15
N ASP A 141 -5.81 1.62 6.00
CA ASP A 141 -6.86 0.66 5.70
C ASP A 141 -6.74 0.22 4.22
N PHE A 142 -6.98 -1.06 3.93
CA PHE A 142 -7.09 -1.53 2.54
C PHE A 142 -8.27 -2.50 2.42
N GLU A 143 -9.02 -2.40 1.33
CA GLU A 143 -10.12 -3.32 1.05
C GLU A 143 -9.62 -4.76 0.98
N SER A 144 -10.21 -5.61 1.81
CA SER A 144 -9.73 -6.98 2.01
C SER A 144 -10.89 -7.95 2.09
N ASP A 145 -10.63 -9.22 1.78
CA ASP A 145 -11.62 -10.29 1.96
C ASP A 145 -11.10 -11.44 2.82
N THR A 146 -9.88 -11.26 3.34
CA THR A 146 -9.22 -12.26 4.18
C THR A 146 -8.56 -11.47 5.29
N PHE A 147 -8.65 -11.95 6.52
CA PHE A 147 -8.26 -11.17 7.69
C PHE A 147 -7.37 -11.92 8.68
N PHE A 148 -6.66 -11.15 9.50
CA PHE A 148 -5.80 -11.72 10.53
C PHE A 148 -6.52 -11.69 11.90
N PRO A 149 -6.56 -12.84 12.59
CA PRO A 149 -7.18 -12.93 13.91
C PRO A 149 -6.48 -11.95 14.87
N GLU A 150 -7.25 -11.36 15.78
CA GLU A 150 -6.72 -10.38 16.73
C GLU A 150 -5.75 -11.05 17.71
N ILE A 151 -4.63 -10.40 18.03
CA ILE A 151 -3.65 -11.01 18.94
C ILE A 151 -4.06 -10.87 20.39
N ASP A 152 -4.06 -12.00 21.09
CA ASP A 152 -4.45 -12.11 22.47
C ASP A 152 -3.30 -11.73 23.40
N LEU A 153 -3.37 -10.54 24.01
CA LEU A 153 -2.29 -10.03 24.87
C LEU A 153 -2.23 -10.72 26.23
N GLU A 154 -3.20 -11.57 26.56
N GLU A 154 -3.24 -11.52 26.54
CA GLU A 154 -3.06 -12.44 27.73
CA GLU A 154 -3.14 -12.41 27.67
C GLU A 154 -1.95 -13.44 27.46
C GLU A 154 -2.04 -13.44 27.46
N LYS A 155 -1.78 -13.79 26.20
CA LYS A 155 -0.79 -14.79 25.82
C LYS A 155 0.50 -14.22 25.26
N TYR A 156 0.34 -13.22 24.38
CA TYR A 156 1.46 -12.66 23.62
C TYR A 156 1.88 -11.34 24.20
N LYS A 157 3.18 -11.09 24.21
CA LYS A 157 3.73 -9.80 24.58
C LYS A 157 4.32 -9.19 23.33
N LEU A 158 4.08 -7.90 23.11
CA LEU A 158 4.77 -7.15 22.07
C LEU A 158 6.16 -6.83 22.57
N LEU A 159 7.18 -7.27 21.85
CA LEU A 159 8.56 -7.03 22.25
C LEU A 159 8.94 -5.63 21.78
N PRO A 160 9.61 -4.85 22.63
CA PRO A 160 9.83 -3.44 22.31
C PRO A 160 10.79 -3.25 21.17
N GLU A 161 11.83 -4.06 21.14
CA GLU A 161 12.75 -3.99 20.02
C GLU A 161 13.09 -5.44 19.85
N TYR A 162 13.81 -5.74 18.80
CA TYR A 162 14.14 -7.10 18.64
C TYR A 162 15.33 -7.20 17.75
N PRO A 163 16.34 -8.00 18.14
CA PRO A 163 17.55 -8.03 17.30
C PRO A 163 17.24 -8.53 15.89
N GLY A 164 17.72 -7.82 14.88
CA GLY A 164 17.51 -8.23 13.51
C GLY A 164 16.26 -7.65 12.90
N VAL A 165 15.50 -6.85 13.65
CA VAL A 165 14.28 -6.24 13.13
C VAL A 165 14.32 -4.74 13.32
N LEU A 166 14.10 -3.98 12.26
CA LEU A 166 14.07 -2.54 12.36
C LEU A 166 12.90 -2.08 13.20
N SER A 167 13.13 -1.09 14.06
CA SER A 167 12.09 -0.55 14.95
C SER A 167 11.33 0.64 14.42
N ASP A 168 11.93 1.44 13.53
CA ASP A 168 11.31 2.69 13.08
C ASP A 168 10.28 2.42 12.00
N VAL A 169 9.36 3.36 11.84
CA VAL A 169 8.38 3.29 10.78
C VAL A 169 9.10 3.33 9.44
N GLN A 170 8.71 2.40 8.55
CA GLN A 170 9.23 2.26 7.19
C GLN A 170 8.24 2.88 6.24
N GLU A 171 8.70 3.23 5.06
CA GLU A 171 7.80 3.76 4.03
C GLU A 171 8.26 3.28 2.68
N GLU A 172 7.33 2.67 1.94
CA GLU A 172 7.58 2.29 0.56
C GLU A 172 6.37 2.63 -0.24
N LYS A 173 6.59 3.26 -1.39
CA LYS A 173 5.49 3.69 -2.27
C LYS A 173 4.41 4.48 -1.52
N GLY A 174 4.84 5.32 -0.59
CA GLY A 174 3.92 6.15 0.16
C GLY A 174 3.14 5.44 1.24
N ILE A 175 3.42 4.14 1.44
CA ILE A 175 2.71 3.35 2.42
C ILE A 175 3.62 3.16 3.63
N LYS A 176 3.18 3.63 4.79
N LYS A 176 3.19 3.65 4.78
CA LYS A 176 3.95 3.48 6.02
CA LYS A 176 3.95 3.49 6.01
C LYS A 176 3.62 2.16 6.67
C LYS A 176 3.62 2.16 6.67
N TYR A 177 4.65 1.54 7.25
CA TYR A 177 4.45 0.29 7.96
C TYR A 177 5.52 0.11 9.02
N LYS A 178 5.26 -0.80 9.93
N LYS A 178 5.29 -0.78 9.93
CA LYS A 178 6.15 -1.07 11.04
CA LYS A 178 6.28 -1.07 10.92
C LYS A 178 6.29 -2.57 11.27
C LYS A 178 6.32 -2.55 11.27
N PHE A 179 7.52 -3.03 11.53
CA PHE A 179 7.73 -4.43 11.88
C PHE A 179 7.56 -4.62 13.38
N GLU A 180 6.68 -5.51 13.76
CA GLU A 180 6.49 -5.89 15.17
C GLU A 180 6.84 -7.33 15.39
N VAL A 181 7.28 -7.62 16.61
CA VAL A 181 7.51 -9.01 17.03
C VAL A 181 6.76 -9.25 18.33
N TYR A 182 5.93 -10.30 18.34
CA TYR A 182 5.20 -10.75 19.53
C TYR A 182 5.73 -12.11 19.95
N GLU A 183 5.63 -12.42 21.23
CA GLU A 183 6.15 -13.71 21.71
C GLU A 183 5.27 -14.28 22.80
N LYS A 184 5.10 -15.59 22.81
CA LYS A 184 4.59 -16.30 23.98
C LYS A 184 5.55 -17.45 24.29
N ASN A 185 5.63 -17.84 25.55
CA ASN A 185 6.59 -18.88 25.90
C ASN A 185 5.95 -20.21 26.18
N ASP A 186 4.65 -20.20 26.44
CA ASP A 186 3.94 -21.41 26.82
C ASP A 186 2.74 -21.70 25.94
N VAL B 1 8.73 14.55 3.73
CA VAL B 1 7.71 13.92 2.89
C VAL B 1 8.34 12.95 1.88
N GLY B 2 7.97 11.67 1.99
CA GLY B 2 8.60 10.62 1.21
C GLY B 2 7.83 10.18 -0.01
N SER B 3 6.68 10.82 -0.27
CA SER B 3 5.87 10.45 -1.43
C SER B 3 4.97 11.63 -1.79
N LEU B 4 4.74 11.80 -3.09
CA LEU B 4 3.81 12.82 -3.51
C LEU B 4 2.83 12.17 -4.44
N ASN B 5 1.62 12.73 -4.50
CA ASN B 5 0.60 12.31 -5.46
C ASN B 5 0.20 13.49 -6.29
N CYS B 6 0.05 13.29 -7.59
CA CYS B 6 -0.57 14.27 -8.47
C CYS B 6 -1.87 13.68 -8.94
N ILE B 7 -2.87 14.53 -9.14
CA ILE B 7 -4.14 14.07 -9.70
C ILE B 7 -4.59 15.11 -10.73
N VAL B 8 -5.03 14.64 -11.88
CA VAL B 8 -5.42 15.51 -13.01
C VAL B 8 -6.38 14.74 -13.88
N ALA B 9 -7.23 15.48 -14.60
CA ALA B 9 -8.07 14.93 -15.67
C ALA B 9 -7.65 15.68 -16.95
N VAL B 10 -7.45 14.92 -18.02
N VAL B 10 -7.49 14.95 -18.05
CA VAL B 10 -6.84 15.45 -19.24
CA VAL B 10 -6.86 15.51 -19.24
C VAL B 10 -7.59 14.98 -20.50
C VAL B 10 -7.55 14.98 -20.50
N SER B 11 -7.81 15.88 -21.45
CA SER B 11 -8.46 15.50 -22.68
C SER B 11 -7.45 14.86 -23.66
N GLN B 12 -7.92 14.32 -24.78
CA GLN B 12 -7.01 13.64 -25.70
C GLN B 12 -5.97 14.56 -26.28
N ASN B 13 -6.34 15.83 -26.42
CA ASN B 13 -5.41 16.85 -26.91
C ASN B 13 -4.60 17.49 -25.79
N MET B 14 -4.52 16.78 -24.66
CA MET B 14 -3.70 17.17 -23.51
C MET B 14 -4.24 18.39 -22.76
N GLY B 15 -5.51 18.71 -22.95
CA GLY B 15 -6.07 19.89 -22.31
C GLY B 15 -6.53 19.63 -20.90
N ILE B 16 -6.32 20.62 -20.03
CA ILE B 16 -6.81 20.55 -18.66
C ILE B 16 -7.66 21.75 -18.28
N GLY B 17 -7.61 22.83 -19.04
CA GLY B 17 -8.32 24.04 -18.65
C GLY B 17 -8.72 24.86 -19.84
N LYS B 18 -9.79 25.63 -19.67
CA LYS B 18 -10.26 26.59 -20.68
C LYS B 18 -10.96 27.73 -19.93
N ASN B 19 -10.49 28.96 -20.12
N ASN B 19 -10.44 28.94 -20.10
CA ASN B 19 -11.15 30.14 -19.54
CA ASN B 19 -11.05 30.16 -19.52
C ASN B 19 -11.35 30.06 -18.01
C ASN B 19 -11.33 30.08 -18.03
N GLY B 20 -10.36 29.55 -17.31
CA GLY B 20 -10.45 29.48 -15.87
C GLY B 20 -11.37 28.39 -15.34
N ASP B 21 -11.76 27.42 -16.19
CA ASP B 21 -12.63 26.30 -15.79
C ASP B 21 -12.14 25.07 -16.54
N LEU B 22 -12.87 23.96 -16.41
CA LEU B 22 -12.51 22.75 -17.15
C LEU B 22 -12.96 22.85 -18.62
N PRO B 23 -12.28 22.13 -19.53
CA PRO B 23 -12.67 22.21 -20.93
C PRO B 23 -13.99 21.48 -21.26
N TRP B 24 -14.38 20.53 -20.42
CA TRP B 24 -15.56 19.67 -20.64
C TRP B 24 -16.64 20.02 -19.63
N PRO B 25 -17.89 19.60 -19.90
CA PRO B 25 -18.98 19.78 -18.93
C PRO B 25 -18.69 19.00 -17.64
N PRO B 26 -19.34 19.37 -16.53
CA PRO B 26 -19.05 18.70 -15.25
C PRO B 26 -19.39 17.21 -15.28
N LEU B 27 -18.44 16.41 -14.84
CA LEU B 27 -18.61 14.95 -14.76
C LEU B 27 -18.67 14.60 -13.30
N ARG B 28 -19.88 14.29 -12.81
CA ARG B 28 -20.09 14.17 -11.38
C ARG B 28 -19.26 13.07 -10.72
N ASN B 29 -19.22 11.89 -11.32
CA ASN B 29 -18.47 10.81 -10.67
C ASN B 29 -16.98 11.03 -10.79
N GLU B 30 -16.55 11.72 -11.83
CA GLU B 30 -15.13 12.05 -11.98
C GLU B 30 -14.74 13.04 -10.86
N PHE B 31 -15.59 14.03 -10.62
N PHE B 31 -15.58 14.05 -10.62
CA PHE B 31 -15.38 14.91 -9.46
CA PHE B 31 -15.38 14.91 -9.46
C PHE B 31 -15.37 14.15 -8.14
C PHE B 31 -15.38 14.15 -8.13
N ARG B 32 -16.30 13.22 -7.97
CA ARG B 32 -16.35 12.43 -6.73
C ARG B 32 -15.09 11.59 -6.56
N TYR B 33 -14.49 11.14 -7.65
CA TYR B 33 -13.21 10.41 -7.62
C TYR B 33 -12.08 11.34 -7.15
N PHE B 34 -11.99 12.55 -7.71
CA PHE B 34 -11.05 13.56 -7.23
C PHE B 34 -11.24 13.83 -5.74
N GLN B 35 -12.47 14.03 -5.30
CA GLN B 35 -12.79 14.23 -3.90
C GLN B 35 -12.39 13.04 -3.04
N ARG B 36 -12.75 11.81 -3.44
CA ARG B 36 -12.42 10.63 -2.67
C ARG B 36 -10.91 10.47 -2.55
N MET B 37 -10.20 10.61 -3.66
N MET B 37 -10.19 10.68 -3.65
CA MET B 37 -8.75 10.45 -3.66
CA MET B 37 -8.78 10.40 -3.61
C MET B 37 -8.04 11.45 -2.77
C MET B 37 -8.02 11.45 -2.80
N THR B 38 -8.37 12.72 -2.95
CA THR B 38 -7.68 13.76 -2.21
C THR B 38 -8.10 13.83 -0.74
N THR B 39 -9.33 13.40 -0.41
CA THR B 39 -9.83 13.56 0.98
C THR B 39 -9.55 12.35 1.88
N THR B 40 -9.55 11.15 1.29
CA THR B 40 -9.55 9.95 2.12
C THR B 40 -8.25 9.73 2.87
N SER B 41 -8.39 9.72 4.19
CA SER B 41 -7.29 9.36 5.07
C SER B 41 -7.81 8.48 6.19
N SER B 42 -7.26 7.28 6.30
CA SER B 42 -7.65 6.39 7.40
C SER B 42 -6.74 6.54 8.63
N VAL B 43 -5.86 7.53 8.61
CA VAL B 43 -4.97 7.78 9.75
C VAL B 43 -5.59 8.82 10.69
N GLU B 44 -5.98 8.33 11.86
CA GLU B 44 -6.69 9.16 12.81
C GLU B 44 -5.86 10.34 13.27
N GLY B 45 -6.49 11.51 13.28
CA GLY B 45 -5.84 12.70 13.80
C GLY B 45 -5.17 13.47 12.70
N LYS B 46 -5.18 12.93 11.47
CA LYS B 46 -4.51 13.58 10.35
C LYS B 46 -5.47 13.84 9.19
N GLN B 47 -5.08 14.80 8.35
CA GLN B 47 -5.77 15.13 7.11
C GLN B 47 -4.79 15.17 5.97
N ASN B 48 -5.29 14.98 4.76
CA ASN B 48 -4.44 15.20 3.60
C ASN B 48 -4.29 16.68 3.30
N LEU B 49 -3.18 17.01 2.64
CA LEU B 49 -2.88 18.34 2.20
C LEU B 49 -3.03 18.39 0.70
N VAL B 50 -3.78 19.40 0.23
CA VAL B 50 -3.82 19.69 -1.19
C VAL B 50 -3.01 20.94 -1.48
N ILE B 51 -2.13 20.86 -2.48
CA ILE B 51 -1.29 21.98 -2.92
C ILE B 51 -1.72 22.38 -4.34
N MET B 52 -1.97 23.67 -4.54
CA MET B 52 -2.44 24.13 -5.84
C MET B 52 -1.93 25.51 -6.17
N GLY B 53 -1.85 25.84 -7.47
CA GLY B 53 -1.57 27.21 -7.89
C GLY B 53 -2.73 28.15 -7.63
N LYS B 54 -2.47 29.43 -7.78
CA LYS B 54 -3.45 30.47 -7.43
C LYS B 54 -4.65 30.51 -8.38
N LYS B 55 -4.42 30.34 -9.68
CA LYS B 55 -5.52 30.27 -10.64
C LYS B 55 -6.40 29.06 -10.39
N THR B 56 -5.82 27.92 -10.02
CA THR B 56 -6.60 26.75 -9.66
C THR B 56 -7.46 27.01 -8.43
N TRP B 57 -6.89 27.66 -7.41
CA TRP B 57 -7.69 28.04 -6.24
C TRP B 57 -8.92 28.83 -6.66
N PHE B 58 -8.73 29.86 -7.49
CA PHE B 58 -9.85 30.70 -7.86
C PHE B 58 -10.82 30.05 -8.83
N SER B 59 -10.40 28.93 -9.43
CA SER B 59 -11.27 28.15 -10.30
C SER B 59 -12.19 27.26 -9.51
N ILE B 60 -11.92 27.08 -8.22
CA ILE B 60 -12.86 26.36 -7.34
C ILE B 60 -14.02 27.30 -6.95
N PRO B 61 -15.26 26.84 -7.11
CA PRO B 61 -16.37 27.71 -6.70
C PRO B 61 -16.27 28.13 -5.24
N GLU B 62 -16.56 29.40 -4.98
CA GLU B 62 -16.41 29.99 -3.66
C GLU B 62 -17.09 29.19 -2.54
N LYS B 63 -18.29 28.67 -2.84
CA LYS B 63 -19.06 27.90 -1.87
C LYS B 63 -18.35 26.61 -1.49
N ASN B 64 -17.33 26.23 -2.27
CA ASN B 64 -16.62 24.97 -2.02
C ASN B 64 -15.20 25.15 -1.50
N ARG B 65 -14.82 26.40 -1.26
CA ARG B 65 -13.50 26.71 -0.75
C ARG B 65 -13.57 27.05 0.73
N PRO B 66 -12.58 26.57 1.50
CA PRO B 66 -11.53 25.63 1.10
C PRO B 66 -12.10 24.23 0.87
N LEU B 67 -11.39 23.37 0.11
CA LEU B 67 -11.87 22.00 -0.10
C LEU B 67 -12.03 21.32 1.25
N LYS B 68 -13.26 20.90 1.55
CA LYS B 68 -13.61 20.37 2.87
C LYS B 68 -12.83 19.11 3.21
N GLY B 69 -12.49 18.94 4.48
CA GLY B 69 -11.82 17.73 4.92
C GLY B 69 -10.35 17.63 4.57
N ARG B 70 -9.81 18.68 3.94
CA ARG B 70 -8.42 18.72 3.50
C ARG B 70 -7.78 20.02 3.93
N ILE B 71 -6.48 19.99 4.20
CA ILE B 71 -5.72 21.20 4.46
C ILE B 71 -5.40 21.81 3.09
N ASN B 72 -5.84 23.06 2.87
CA ASN B 72 -5.66 23.72 1.58
C ASN B 72 -4.47 24.68 1.59
N LEU B 73 -3.52 24.42 0.72
CA LEU B 73 -2.32 25.25 0.58
C LEU B 73 -2.22 25.80 -0.82
N VAL B 74 -2.10 27.12 -0.91
CA VAL B 74 -1.98 27.75 -2.20
C VAL B 74 -0.54 28.26 -2.44
N LEU B 75 -0.06 28.07 -3.67
CA LEU B 75 1.23 28.60 -4.05
C LEU B 75 1.09 29.93 -4.74
N SER B 76 1.87 30.91 -4.29
CA SER B 76 1.91 32.22 -4.96
C SER B 76 3.19 32.91 -4.59
N ARG B 77 3.79 33.58 -5.57
CA ARG B 77 4.96 34.43 -5.32
C ARG B 77 4.58 35.85 -4.95
N GLU B 78 3.34 36.25 -5.22
CA GLU B 78 2.96 37.63 -5.02
C GLU B 78 2.23 37.84 -3.69
N LEU B 79 1.39 36.89 -3.30
CA LEU B 79 0.44 37.09 -2.19
C LEU B 79 1.09 37.24 -0.84
N LYS B 80 0.43 38.01 0.02
CA LYS B 80 0.96 38.37 1.33
C LYS B 80 0.50 37.35 2.35
N GLU B 81 -0.70 36.84 2.11
CA GLU B 81 -1.29 35.88 3.01
C GLU B 81 -2.09 34.92 2.13
N PRO B 82 -2.53 33.81 2.71
CA PRO B 82 -3.27 32.88 1.85
C PRO B 82 -4.54 33.58 1.36
N PRO B 83 -5.04 33.22 0.17
CA PRO B 83 -6.32 33.80 -0.26
C PRO B 83 -7.42 33.49 0.77
N GLN B 84 -8.48 34.30 0.81
CA GLN B 84 -9.53 34.09 1.81
C GLN B 84 -10.07 32.67 1.77
N GLY B 85 -10.02 32.01 2.94
CA GLY B 85 -10.48 30.66 3.13
C GLY B 85 -9.40 29.59 3.05
N ALA B 86 -8.26 29.90 2.42
CA ALA B 86 -7.16 28.95 2.33
C ALA B 86 -6.44 28.89 3.67
N HIS B 87 -5.83 27.75 3.94
CA HIS B 87 -5.21 27.56 5.23
C HIS B 87 -3.78 28.03 5.26
N PHE B 88 -3.09 27.87 4.14
CA PHE B 88 -1.67 28.15 4.07
C PHE B 88 -1.26 28.69 2.74
N LEU B 89 -0.13 29.37 2.73
CA LEU B 89 0.46 29.95 1.53
C LEU B 89 1.95 29.65 1.52
N SER B 90 2.47 29.19 0.38
CA SER B 90 3.91 29.00 0.23
C SER B 90 4.39 29.59 -1.09
N ARG B 91 5.66 29.99 -1.15
CA ARG B 91 6.24 30.68 -2.32
C ARG B 91 6.81 29.73 -3.34
N SER B 92 6.85 28.45 -2.97
CA SER B 92 7.38 27.43 -3.86
C SER B 92 6.92 26.07 -3.36
N LEU B 93 7.06 25.07 -4.22
CA LEU B 93 6.71 23.71 -3.86
C LEU B 93 7.61 23.18 -2.75
N ASP B 94 8.91 23.48 -2.83
CA ASP B 94 9.83 23.04 -1.78
C ASP B 94 9.43 23.60 -0.41
N ASP B 95 9.10 24.89 -0.39
CA ASP B 95 8.64 25.53 0.83
C ASP B 95 7.36 24.90 1.37
N ALA B 96 6.47 24.53 0.46
CA ALA B 96 5.22 23.91 0.88
C ALA B 96 5.52 22.59 1.57
N LEU B 97 6.40 21.79 1.01
CA LEU B 97 6.69 20.47 1.60
C LEU B 97 7.38 20.59 2.96
N LYS B 98 8.28 21.55 3.05
CA LYS B 98 9.01 21.79 4.27
C LYS B 98 8.10 22.29 5.37
N LEU B 99 7.06 23.00 4.95
CA LEU B 99 6.10 23.53 5.90
C LEU B 99 5.38 22.40 6.64
N THR B 100 5.17 21.27 5.97
CA THR B 100 4.50 20.14 6.61
C THR B 100 5.29 19.60 7.80
N GLU B 101 6.59 19.86 7.81
CA GLU B 101 7.48 19.37 8.87
C GLU B 101 7.62 20.31 10.08
N GLN B 102 7.08 21.52 9.94
CA GLN B 102 7.08 22.52 10.99
C GLN B 102 5.98 22.30 12.05
N PRO B 103 6.09 23.01 13.19
CA PRO B 103 5.15 22.69 14.29
C PRO B 103 3.63 22.83 14.05
N GLU B 104 3.12 23.81 13.30
CA GLU B 104 1.67 23.84 13.11
C GLU B 104 1.13 22.54 12.49
N LEU B 105 1.85 22.00 11.51
CA LEU B 105 1.39 20.84 10.76
C LEU B 105 2.03 19.49 11.08
N ALA B 106 3.07 19.49 11.91
CA ALA B 106 3.91 18.32 12.16
C ALA B 106 3.13 17.02 12.36
N ASN B 107 2.11 17.08 13.21
CA ASN B 107 1.29 15.91 13.50
C ASN B 107 -0.06 16.04 12.86
N LYS B 108 -0.10 16.68 11.70
CA LYS B 108 -1.38 16.95 11.09
C LYS B 108 -1.59 16.40 9.68
N VAL B 109 -0.52 16.23 8.89
CA VAL B 109 -0.67 15.88 7.46
C VAL B 109 -0.41 14.40 7.20
N ASP B 110 -1.34 13.77 6.47
CA ASP B 110 -1.14 12.40 6.01
C ASP B 110 -0.51 12.39 4.61
N MET B 111 -1.34 12.41 3.57
N MET B 111 -1.34 12.46 3.57
CA MET B 111 -0.84 12.38 2.19
CA MET B 111 -0.82 12.43 2.22
C MET B 111 -0.81 13.78 1.61
C MET B 111 -0.82 13.82 1.60
N VAL B 112 0.10 14.03 0.67
CA VAL B 112 0.18 15.28 -0.07
C VAL B 112 -0.30 15.07 -1.50
N TRP B 113 -1.27 15.89 -1.90
CA TRP B 113 -1.85 15.83 -3.26
C TRP B 113 -1.63 17.13 -4.00
N ILE B 114 -0.97 17.06 -5.15
CA ILE B 114 -0.78 18.18 -6.07
C ILE B 114 -1.96 18.19 -7.02
N VAL B 115 -2.71 19.28 -7.03
CA VAL B 115 -3.96 19.36 -7.80
C VAL B 115 -3.95 20.42 -8.90
N GLY B 116 -2.75 20.83 -9.31
CA GLY B 116 -2.60 21.72 -10.44
C GLY B 116 -2.29 23.16 -10.07
N GLY B 117 -2.03 24.02 -11.05
CA GLY B 117 -2.12 23.72 -12.46
C GLY B 117 -0.83 23.28 -13.13
N SER B 118 -0.63 23.67 -14.39
CA SER B 118 0.43 23.07 -15.19
C SER B 118 1.84 23.16 -14.57
N SER B 119 2.22 24.33 -14.07
CA SER B 119 3.58 24.50 -13.55
C SER B 119 3.77 23.71 -12.27
N VAL B 120 2.67 23.52 -11.53
CA VAL B 120 2.74 22.78 -10.28
C VAL B 120 2.95 21.31 -10.60
N TYR B 121 2.20 20.83 -11.59
CA TYR B 121 2.38 19.45 -12.06
C TYR B 121 3.77 19.18 -12.60
N LYS B 122 4.28 20.10 -13.44
CA LYS B 122 5.58 19.90 -14.05
C LYS B 122 6.69 19.76 -13.03
N GLU B 123 6.70 20.66 -12.04
CA GLU B 123 7.70 20.61 -11.00
C GLU B 123 7.54 19.36 -10.12
N ALA B 124 6.32 19.05 -9.71
CA ALA B 124 6.08 17.87 -8.88
C ALA B 124 6.53 16.57 -9.59
N MET B 125 6.27 16.48 -10.88
CA MET B 125 6.58 15.25 -11.61
C MET B 125 8.07 15.01 -11.74
N ASN B 126 8.84 16.08 -11.57
CA ASN B 126 10.29 16.03 -11.56
C ASN B 126 10.89 15.95 -10.15
N HIS B 127 10.06 15.96 -9.12
CA HIS B 127 10.56 15.93 -7.74
C HIS B 127 11.18 14.57 -7.46
N PRO B 128 12.27 14.53 -6.69
CA PRO B 128 12.90 13.22 -6.43
C PRO B 128 12.00 12.32 -5.60
N GLY B 129 12.18 11.01 -5.79
CA GLY B 129 11.57 10.05 -4.89
C GLY B 129 10.28 9.49 -5.46
N HIS B 130 9.49 8.91 -4.57
CA HIS B 130 8.29 8.23 -5.01
C HIS B 130 7.18 9.20 -5.38
N LEU B 131 6.56 8.94 -6.53
N LEU B 131 6.57 8.96 -6.53
CA LEU B 131 5.44 9.75 -6.99
CA LEU B 131 5.43 9.76 -6.98
C LEU B 131 4.43 8.89 -7.69
C LEU B 131 4.42 8.89 -7.67
N LYS B 132 3.15 9.15 -7.40
CA LYS B 132 2.06 8.54 -8.15
C LYS B 132 1.32 9.62 -8.88
N LEU B 133 0.97 9.37 -10.14
CA LEU B 133 0.15 10.30 -10.93
C LEU B 133 -1.16 9.61 -11.24
N PHE B 134 -2.25 10.18 -10.73
CA PHE B 134 -3.61 9.68 -11.00
C PHE B 134 -4.15 10.51 -12.13
N VAL B 135 -4.19 9.91 -13.33
CA VAL B 135 -4.53 10.66 -14.54
C VAL B 135 -5.81 10.12 -15.14
N THR B 136 -6.82 10.96 -15.24
CA THR B 136 -8.06 10.56 -15.89
C THR B 136 -7.96 10.94 -17.36
N ARG B 137 -8.02 9.94 -18.23
CA ARG B 137 -7.94 10.19 -19.67
C ARG B 137 -9.34 10.37 -20.22
N ILE B 138 -9.71 11.62 -20.48
N ILE B 138 -9.71 11.61 -20.50
CA ILE B 138 -10.99 11.98 -21.11
CA ILE B 138 -10.99 11.91 -21.12
C ILE B 138 -10.79 11.70 -22.60
C ILE B 138 -10.80 11.71 -22.62
N MET B 139 -11.57 10.76 -23.13
N MET B 139 -11.56 10.77 -23.18
CA MET B 139 -11.33 10.22 -24.47
CA MET B 139 -11.30 10.25 -24.52
C MET B 139 -12.00 11.01 -25.61
C MET B 139 -12.01 11.03 -25.61
N GLN B 140 -11.86 12.34 -25.56
CA GLN B 140 -12.36 13.25 -26.58
C GLN B 140 -11.44 14.43 -26.60
N ASP B 141 -11.41 15.13 -27.73
CA ASP B 141 -10.78 16.43 -27.80
C ASP B 141 -11.68 17.51 -27.23
N PHE B 142 -11.10 18.45 -26.49
CA PHE B 142 -11.85 19.63 -26.05
C PHE B 142 -10.98 20.87 -26.20
N GLU B 143 -11.56 21.94 -26.70
CA GLU B 143 -10.84 23.19 -26.83
C GLU B 143 -10.30 23.64 -25.47
N SER B 144 -9.00 23.90 -25.40
CA SER B 144 -8.29 24.12 -24.14
C SER B 144 -7.30 25.25 -24.30
N ASP B 145 -6.97 25.91 -23.20
CA ASP B 145 -5.93 26.93 -23.18
C ASP B 145 -4.85 26.64 -22.13
N THR B 146 -4.99 25.50 -21.44
CA THR B 146 -4.09 25.06 -20.37
C THR B 146 -3.89 23.57 -20.59
N PHE B 147 -2.65 23.09 -20.48
CA PHE B 147 -2.31 21.75 -20.92
C PHE B 147 -1.50 20.95 -19.93
N PHE B 148 -1.58 19.62 -20.05
CA PHE B 148 -0.76 18.71 -19.25
C PHE B 148 0.25 18.06 -20.23
N PRO B 149 1.54 18.06 -19.91
CA PRO B 149 2.59 17.40 -20.71
C PRO B 149 2.44 15.89 -20.88
N GLU B 150 2.99 15.35 -21.96
CA GLU B 150 3.03 13.91 -22.13
C GLU B 150 3.93 13.33 -21.04
N ILE B 151 3.49 12.22 -20.46
CA ILE B 151 4.27 11.59 -19.41
C ILE B 151 5.46 10.82 -19.97
N ASP B 152 6.61 11.04 -19.35
CA ASP B 152 7.87 10.39 -19.72
C ASP B 152 7.95 8.96 -19.18
N LEU B 153 7.81 7.97 -20.08
CA LEU B 153 7.76 6.56 -19.68
C LEU B 153 9.13 6.01 -19.30
N GLU B 154 10.16 6.82 -19.51
CA GLU B 154 11.48 6.52 -18.99
C GLU B 154 11.50 6.60 -17.46
N LYS B 155 10.66 7.49 -16.90
CA LYS B 155 10.59 7.69 -15.45
C LYS B 155 9.37 7.01 -14.82
N TYR B 156 8.24 7.12 -15.51
CA TYR B 156 6.96 6.62 -15.00
C TYR B 156 6.53 5.33 -15.67
N LYS B 157 5.97 4.42 -14.87
CA LYS B 157 5.35 3.20 -15.37
C LYS B 157 3.84 3.37 -15.22
N LEU B 158 3.08 3.01 -16.25
CA LEU B 158 1.63 2.88 -16.16
C LEU B 158 1.32 1.56 -15.45
N LEU B 159 0.60 1.64 -14.34
CA LEU B 159 0.28 0.47 -13.56
C LEU B 159 -0.94 -0.20 -14.16
N PRO B 160 -0.91 -1.53 -14.30
CA PRO B 160 -1.98 -2.25 -15.00
C PRO B 160 -3.28 -2.15 -14.22
N GLU B 161 -3.17 -2.20 -12.90
CA GLU B 161 -4.35 -2.00 -12.09
C GLU B 161 -3.90 -1.26 -10.86
N TYR B 162 -4.88 -0.88 -10.06
CA TYR B 162 -4.51 -0.26 -8.83
C TYR B 162 -5.63 -0.40 -7.82
N PRO B 163 -5.30 -0.79 -6.57
CA PRO B 163 -6.37 -0.98 -5.59
C PRO B 163 -7.15 0.31 -5.42
N GLY B 164 -8.47 0.21 -5.48
CA GLY B 164 -9.32 1.37 -5.26
C GLY B 164 -9.62 2.17 -6.50
N VAL B 165 -9.08 1.76 -7.66
CA VAL B 165 -9.28 2.51 -8.91
C VAL B 165 -9.93 1.58 -9.93
N LEU B 166 -11.05 2.01 -10.51
CA LEU B 166 -11.77 1.22 -11.50
C LEU B 166 -10.91 1.09 -12.76
N SER B 167 -10.91 -0.10 -13.36
CA SER B 167 -10.07 -0.35 -14.54
C SER B 167 -10.80 -0.14 -15.86
N ASP B 168 -12.12 -0.28 -15.88
CA ASP B 168 -12.85 -0.24 -17.13
C ASP B 168 -13.12 1.18 -17.59
N VAL B 169 -13.39 1.34 -18.87
CA VAL B 169 -13.79 2.66 -19.39
C VAL B 169 -15.10 3.08 -18.72
N GLN B 170 -15.13 4.32 -18.27
CA GLN B 170 -16.28 4.97 -17.65
C GLN B 170 -16.98 5.85 -18.68
N GLU B 171 -18.24 6.17 -18.43
CA GLU B 171 -18.96 7.09 -19.28
C GLU B 171 -19.91 7.93 -18.46
N GLU B 172 -19.85 9.26 -18.61
CA GLU B 172 -20.82 10.17 -18.00
C GLU B 172 -21.17 11.21 -19.02
N LYS B 173 -22.47 11.49 -19.14
CA LYS B 173 -22.95 12.49 -20.08
C LYS B 173 -22.43 12.22 -21.51
N GLY B 174 -22.35 10.95 -21.88
CA GLY B 174 -21.88 10.54 -23.20
C GLY B 174 -20.38 10.67 -23.42
N ILE B 175 -19.61 11.03 -22.39
CA ILE B 175 -18.17 11.24 -22.52
C ILE B 175 -17.48 10.07 -21.87
N LYS B 176 -16.68 9.35 -22.64
CA LYS B 176 -15.91 8.23 -22.14
C LYS B 176 -14.58 8.66 -21.54
N TYR B 177 -14.19 8.00 -20.46
CA TYR B 177 -12.91 8.28 -19.84
C TYR B 177 -12.40 7.09 -19.08
N LYS B 178 -11.12 7.08 -18.75
CA LYS B 178 -10.59 5.99 -17.96
C LYS B 178 -9.59 6.50 -16.94
N PHE B 179 -9.58 5.87 -15.78
CA PHE B 179 -8.67 6.22 -14.70
C PHE B 179 -7.36 5.46 -14.89
N GLU B 180 -6.24 6.19 -14.95
CA GLU B 180 -4.91 5.58 -15.00
C GLU B 180 -4.11 5.96 -13.75
N VAL B 181 -3.19 5.09 -13.36
CA VAL B 181 -2.24 5.39 -12.32
C VAL B 181 -0.84 5.12 -12.84
N TYR B 182 0.03 6.12 -12.74
CA TYR B 182 1.45 6.02 -13.10
C TYR B 182 2.29 6.14 -11.85
N GLU B 183 3.46 5.52 -11.85
CA GLU B 183 4.29 5.57 -10.67
C GLU B 183 5.76 5.66 -11.05
N LYS B 184 6.52 6.45 -10.29
CA LYS B 184 7.97 6.35 -10.34
C LYS B 184 8.48 6.20 -8.91
N ASN B 185 9.62 5.52 -8.75
CA ASN B 185 10.12 5.24 -7.41
C ASN B 185 11.39 6.00 -6.97
N ASP B 186 12.11 6.58 -7.93
CA ASP B 186 13.34 7.31 -7.63
C ASP B 186 13.37 8.71 -8.24
#